data_4EYV
#
_entry.id   4EYV
#
_cell.length_a   121.252
_cell.length_b   144.108
_cell.length_c   110.735
_cell.angle_alpha   90.000
_cell.angle_beta   90.000
_cell.angle_gamma   90.000
#
_symmetry.space_group_name_H-M   'C 2 2 21'
#
loop_
_entity.id
_entity.type
_entity.pdbx_description
1 polymer 'Peptidyl-prolyl cis-trans isomerase'
2 non-polymer 'POTASSIUM ION'
3 non-polymer 'SODIUM ION'
4 non-polymer 'PHOSPHATE ION'
5 water water
#
_entity_poly.entity_id   1
_entity_poly.type   'polypeptide(L)'
_entity_poly.pdbx_seq_one_letter_code
;GSHMSQPNVYFDISIDNQNAGRIVFKLYDDVVPLTAKNFRELAKNPAGQGYTGSTFHRIIPQFMLQGGDFTNHNGTGGRS
IYGNKFKDENFQLKHTKPGLLSMANAGPHTNGSQFFITTVVTSWLDGKHVVFGEVVEGMDVVKKVEAVGTQSGKPSKVVK
ITASGTV
;
_entity_poly.pdbx_strand_id   A,B,C
#
loop_
_chem_comp.id
_chem_comp.type
_chem_comp.name
_chem_comp.formula
K non-polymer 'POTASSIUM ION' 'K 1'
NA non-polymer 'SODIUM ION' 'Na 1'
PO4 non-polymer 'PHOSPHATE ION' 'O4 P -3'
#
# COMPACT_ATOMS: atom_id res chain seq x y z
N GLN A 6 -16.97 -9.80 14.55
CA GLN A 6 -16.43 -10.43 13.27
C GLN A 6 -15.30 -11.37 13.68
N PRO A 7 -15.23 -12.48 12.99
CA PRO A 7 -14.41 -13.56 13.51
C PRO A 7 -12.89 -13.36 13.19
N ASN A 8 -12.06 -14.06 13.94
CA ASN A 8 -10.64 -14.14 13.65
C ASN A 8 -10.36 -14.78 12.28
N VAL A 9 -9.15 -14.51 11.75
CA VAL A 9 -8.82 -15.01 10.42
C VAL A 9 -7.68 -16.06 10.59
N TYR A 10 -7.71 -17.16 9.81
CA TYR A 10 -6.57 -18.07 9.86
C TYR A 10 -5.88 -18.18 8.47
N PHE A 11 -4.59 -18.47 8.47
CA PHE A 11 -3.89 -18.92 7.27
C PHE A 11 -3.27 -20.30 7.63
N ASP A 12 -3.50 -21.34 6.81
CA ASP A 12 -2.65 -22.53 6.89
C ASP A 12 -1.48 -22.35 5.96
N ILE A 13 -0.30 -22.73 6.45
CA ILE A 13 0.97 -22.36 5.83
C ILE A 13 1.69 -23.66 5.39
N SER A 14 2.24 -23.69 4.16
CA SER A 14 3.28 -24.71 3.86
C SER A 14 4.61 -23.99 3.57
N ILE A 15 5.73 -24.67 3.87
CA ILE A 15 7.07 -24.19 3.57
C ILE A 15 7.74 -25.31 2.72
N ASP A 16 8.21 -24.96 1.51
CA ASP A 16 8.74 -26.01 0.60
C ASP A 16 7.71 -27.13 0.40
N ASN A 17 6.44 -26.74 0.29
CA ASN A 17 5.34 -27.66 0.09
CA ASN A 17 5.33 -27.66 0.07
C ASN A 17 5.08 -28.64 1.25
N GLN A 18 5.60 -28.35 2.42
CA GLN A 18 5.30 -29.13 3.60
C GLN A 18 4.47 -28.31 4.64
N ASN A 19 3.39 -28.89 5.11
CA ASN A 19 2.56 -28.20 6.15
C ASN A 19 3.42 -27.69 7.29
N ALA A 20 3.25 -26.40 7.63
CA ALA A 20 4.01 -25.86 8.75
C ALA A 20 3.06 -25.41 9.88
N GLY A 21 1.75 -25.46 9.68
CA GLY A 21 0.87 -25.20 10.81
C GLY A 21 -0.02 -24.00 10.42
N ARG A 22 -0.55 -23.34 11.42
CA ARG A 22 -1.66 -22.37 11.19
C ARG A 22 -1.34 -21.08 11.92
N ILE A 23 -1.58 -19.93 11.28
CA ILE A 23 -1.50 -18.64 12.00
C ILE A 23 -2.96 -18.11 12.12
N VAL A 24 -3.33 -17.64 13.31
CA VAL A 24 -4.70 -17.05 13.51
C VAL A 24 -4.49 -15.61 13.95
N PHE A 25 -5.26 -14.70 13.35
CA PHE A 25 -5.12 -13.27 13.63
C PHE A 25 -6.43 -12.72 14.19
N LYS A 26 -6.29 -11.82 15.16
CA LYS A 26 -7.43 -11.09 15.65
C LYS A 26 -7.30 -9.71 14.94
N LEU A 27 -8.37 -9.24 14.30
CA LEU A 27 -8.29 -7.93 13.57
C LEU A 27 -8.94 -6.81 14.44
N TYR A 28 -8.46 -5.59 14.29
CA TYR A 28 -8.95 -4.54 15.11
C TYR A 28 -10.12 -3.82 14.39
N ASP A 29 -11.21 -4.53 14.20
CA ASP A 29 -12.38 -3.93 13.51
C ASP A 29 -12.94 -2.66 14.14
N ASP A 30 -12.79 -2.53 15.47
CA ASP A 30 -13.34 -1.42 16.22
CA ASP A 30 -13.38 -1.40 16.20
C ASP A 30 -12.54 -0.15 15.92
N VAL A 31 -11.30 -0.31 15.45
CA VAL A 31 -10.47 0.85 15.25
C VAL A 31 -10.28 1.14 13.71
N VAL A 32 -10.11 0.11 12.89
CA VAL A 32 -9.85 0.24 11.46
C VAL A 32 -10.76 -0.70 10.73
N PRO A 33 -12.09 -0.37 10.73
CA PRO A 33 -12.99 -1.35 10.22
C PRO A 33 -12.85 -1.69 8.76
N LEU A 34 -12.55 -0.72 7.94
CA LEU A 34 -12.46 -1.02 6.49
C LEU A 34 -11.14 -1.85 6.17
N THR A 35 -10.12 -1.56 6.94
CA THR A 35 -8.78 -2.27 6.74
C THR A 35 -8.99 -3.70 7.21
N ALA A 36 -9.63 -3.89 8.38
CA ALA A 36 -9.97 -5.25 8.84
C ALA A 36 -10.86 -5.98 7.87
N LYS A 37 -11.91 -5.27 7.39
CA LYS A 37 -12.85 -5.93 6.45
C LYS A 37 -12.18 -6.45 5.17
N ASN A 38 -11.27 -5.64 4.65
CA ASN A 38 -10.59 -5.98 3.37
C ASN A 38 -9.73 -7.30 3.61
N PHE A 39 -8.99 -7.31 4.71
CA PHE A 39 -8.09 -8.48 4.92
C PHE A 39 -8.95 -9.68 5.20
N ARG A 40 -10.01 -9.54 5.99
CA ARG A 40 -10.86 -10.71 6.21
C ARG A 40 -11.56 -11.27 4.96
N GLU A 41 -12.15 -10.40 4.11
CA GLU A 41 -12.80 -10.88 2.86
CA GLU A 41 -12.78 -10.86 2.88
C GLU A 41 -11.75 -11.47 1.90
N LEU A 42 -10.55 -10.89 1.82
CA LEU A 42 -9.53 -11.49 0.94
C LEU A 42 -9.12 -12.89 1.49
N ALA A 43 -9.18 -13.10 2.81
CA ALA A 43 -8.86 -14.41 3.34
C ALA A 43 -9.97 -15.42 3.05
N LYS A 44 -11.23 -14.98 3.13
CA LYS A 44 -12.40 -15.85 2.85
C LYS A 44 -12.56 -16.19 1.39
N ASN A 45 -12.13 -15.30 0.51
CA ASN A 45 -12.29 -15.54 -0.94
C ASN A 45 -11.67 -16.86 -1.47
N PRO A 46 -12.18 -17.35 -2.62
CA PRO A 46 -11.59 -18.54 -3.21
C PRO A 46 -10.22 -18.21 -3.84
N ALA A 47 -9.40 -19.26 -4.05
CA ALA A 47 -8.06 -19.11 -4.65
C ALA A 47 -8.13 -18.28 -5.91
N GLY A 48 -7.19 -17.34 -6.10
CA GLY A 48 -7.20 -16.50 -7.29
C GLY A 48 -7.89 -15.18 -7.04
N GLN A 49 -8.75 -15.14 -6.03
CA GLN A 49 -9.48 -13.91 -5.72
CA GLN A 49 -9.43 -13.88 -5.74
C GLN A 49 -9.05 -13.38 -4.35
N GLY A 50 -8.02 -13.98 -3.74
CA GLY A 50 -7.62 -13.48 -2.41
C GLY A 50 -6.36 -14.19 -1.94
N TYR A 51 -6.19 -14.29 -0.61
CA TYR A 51 -4.94 -14.91 -0.08
C TYR A 51 -4.78 -16.42 -0.29
N THR A 52 -5.86 -17.15 -0.46
CA THR A 52 -5.71 -18.60 -0.58
C THR A 52 -4.92 -18.94 -1.81
N GLY A 53 -3.81 -19.65 -1.67
CA GLY A 53 -3.03 -20.07 -2.83
C GLY A 53 -1.95 -19.04 -3.11
N SER A 54 -1.90 -17.93 -2.38
CA SER A 54 -0.79 -16.95 -2.62
C SER A 54 0.45 -17.25 -1.69
N THR A 55 1.53 -16.44 -1.77
CA THR A 55 2.77 -16.84 -1.09
C THR A 55 3.18 -15.65 -0.17
N PHE A 56 4.11 -15.88 0.76
CA PHE A 56 4.82 -14.78 1.42
C PHE A 56 6.02 -14.57 0.54
N HIS A 57 5.99 -13.54 -0.32
CA HIS A 57 6.98 -13.42 -1.36
C HIS A 57 8.21 -12.66 -0.91
N ARG A 58 8.17 -12.00 0.24
CA ARG A 58 9.27 -11.20 0.67
C ARG A 58 9.44 -11.39 2.19
N ILE A 59 10.61 -11.90 2.63
CA ILE A 59 10.71 -12.23 4.07
C ILE A 59 12.05 -11.78 4.53
N ILE A 60 12.07 -10.92 5.53
CA ILE A 60 13.35 -10.36 5.97
C ILE A 60 13.42 -10.58 7.51
N PRO A 61 14.28 -11.51 7.93
CA PRO A 61 14.50 -11.81 9.38
C PRO A 61 14.75 -10.58 10.15
N GLN A 62 14.25 -10.61 11.38
CA GLN A 62 14.38 -9.46 12.29
C GLN A 62 13.73 -8.22 11.73
N PHE A 63 12.77 -8.42 10.83
CA PHE A 63 12.03 -7.22 10.38
C PHE A 63 10.57 -7.65 10.16
N MET A 64 10.27 -8.35 9.06
CA MET A 64 8.84 -8.74 8.84
C MET A 64 8.68 -9.74 7.74
N LEU A 65 7.50 -10.38 7.63
CA LEU A 65 7.16 -11.29 6.57
C LEU A 65 6.05 -10.57 5.73
N GLN A 66 6.17 -10.58 4.42
CA GLN A 66 5.22 -9.79 3.65
C GLN A 66 4.58 -10.69 2.64
N GLY A 67 3.27 -10.50 2.46
CA GLY A 67 2.53 -11.30 1.55
C GLY A 67 1.36 -10.49 0.94
N GLY A 68 0.40 -11.20 0.37
CA GLY A 68 -0.83 -10.57 -0.11
C GLY A 68 -0.77 -10.20 -1.61
N ASP A 69 0.33 -10.43 -2.30
CA ASP A 69 0.31 -10.17 -3.77
C ASP A 69 -0.23 -11.42 -4.49
N PHE A 70 -1.54 -11.49 -4.59
CA PHE A 70 -2.15 -12.69 -5.09
C PHE A 70 -2.35 -12.62 -6.59
N THR A 71 -2.01 -11.51 -7.21
CA THR A 71 -2.14 -11.47 -8.69
C THR A 71 -0.76 -11.66 -9.34
N ASN A 72 0.29 -11.02 -8.83
CA ASN A 72 1.62 -11.19 -9.47
C ASN A 72 2.66 -12.02 -8.66
N HIS A 73 2.40 -12.26 -7.38
CA HIS A 73 3.30 -13.02 -6.51
C HIS A 73 4.69 -12.45 -6.36
N ASN A 74 4.86 -11.14 -6.52
CA ASN A 74 6.20 -10.64 -6.46
C ASN A 74 6.28 -9.25 -5.86
N GLY A 75 5.16 -8.73 -5.32
CA GLY A 75 5.23 -7.43 -4.75
C GLY A 75 4.71 -6.32 -5.68
N THR A 76 4.45 -6.62 -6.95
CA THR A 76 3.96 -5.55 -7.86
C THR A 76 2.41 -5.57 -7.93
N GLY A 77 1.76 -6.62 -7.45
CA GLY A 77 0.34 -6.79 -7.70
C GLY A 77 -0.53 -6.62 -6.42
N GLY A 78 -1.68 -7.29 -6.51
CA GLY A 78 -2.69 -7.37 -5.50
C GLY A 78 -3.69 -6.21 -5.67
N ARG A 79 -4.81 -6.31 -4.96
CA ARG A 79 -5.85 -5.24 -5.04
CA ARG A 79 -5.74 -5.16 -4.95
C ARG A 79 -6.72 -5.41 -3.81
N SER A 80 -7.24 -4.31 -3.25
CA SER A 80 -8.17 -4.46 -2.12
C SER A 80 -9.56 -4.84 -2.66
N ILE A 81 -10.49 -5.22 -1.76
CA ILE A 81 -11.87 -5.51 -2.16
C ILE A 81 -12.53 -4.16 -2.63
N TYR A 82 -11.93 -3.00 -2.34
CA TYR A 82 -12.54 -1.73 -2.76
C TYR A 82 -12.08 -1.28 -4.15
N GLY A 83 -11.03 -1.93 -4.69
CA GLY A 83 -10.39 -1.52 -5.94
C GLY A 83 -8.89 -1.51 -5.70
N ASN A 84 -8.15 -0.92 -6.61
CA ASN A 84 -6.70 -1.00 -6.49
C ASN A 84 -6.13 -0.36 -5.25
N LYS A 85 -6.70 0.79 -4.78
CA LYS A 85 -6.10 1.47 -3.66
CA LYS A 85 -6.11 1.61 -3.69
C LYS A 85 -7.23 1.98 -2.75
N PHE A 86 -7.00 1.98 -1.44
CA PHE A 86 -7.98 2.54 -0.50
C PHE A 86 -7.22 3.31 0.55
N LYS A 87 -7.91 4.15 1.34
CA LYS A 87 -7.22 5.18 2.11
C LYS A 87 -6.60 4.59 3.37
N ASP A 88 -5.69 5.36 3.99
CA ASP A 88 -5.23 5.06 5.28
C ASP A 88 -6.32 5.49 6.23
N GLU A 89 -6.97 4.58 6.91
CA GLU A 89 -8.10 4.98 7.77
C GLU A 89 -7.69 5.81 8.93
N ASN A 90 -6.63 5.42 9.62
CA ASN A 90 -6.07 6.25 10.67
C ASN A 90 -4.73 5.59 11.10
N PHE A 91 -3.96 6.25 11.96
CA PHE A 91 -2.74 5.67 12.48
C PHE A 91 -2.82 5.61 13.99
N GLN A 92 -3.99 5.27 14.49
CA GLN A 92 -4.16 5.29 15.92
C GLN A 92 -3.28 4.17 16.55
N LEU A 93 -3.20 3.01 15.90
CA LEU A 93 -2.37 1.89 16.46
C LEU A 93 -0.94 1.91 15.95
N LYS A 94 0.00 1.61 16.83
CA LYS A 94 1.43 1.72 16.58
CA LYS A 94 1.41 1.71 16.51
C LYS A 94 2.07 0.31 16.45
N HIS A 95 3.28 0.26 15.91
CA HIS A 95 3.96 -1.00 15.67
C HIS A 95 4.75 -1.30 16.95
N THR A 96 4.08 -1.72 17.99
CA THR A 96 4.69 -1.68 19.36
C THR A 96 5.34 -3.02 19.76
N LYS A 97 5.12 -4.09 18.96
CA LYS A 97 5.51 -5.46 19.40
C LYS A 97 5.61 -6.32 18.13
N PRO A 98 6.33 -7.45 18.21
CA PRO A 98 6.23 -8.46 17.13
C PRO A 98 4.80 -9.01 16.97
N GLY A 99 4.53 -9.57 15.81
CA GLY A 99 3.30 -10.27 15.59
C GLY A 99 2.13 -9.36 15.17
N LEU A 100 2.41 -8.11 14.77
CA LEU A 100 1.33 -7.20 14.31
C LEU A 100 1.18 -7.24 12.78
N LEU A 101 -0.06 -7.08 12.35
CA LEU A 101 -0.38 -6.99 10.94
C LEU A 101 -0.45 -5.55 10.55
N SER A 102 0.22 -5.19 9.46
CA SER A 102 0.22 -3.77 9.04
C SER A 102 0.19 -3.77 7.50
N MET A 103 -0.39 -2.70 6.88
CA MET A 103 -0.49 -2.70 5.46
C MET A 103 0.80 -2.17 4.81
N ALA A 104 1.22 -2.81 3.73
CA ALA A 104 2.27 -2.29 2.89
C ALA A 104 1.60 -1.22 1.97
N ASN A 105 2.39 -0.26 1.48
CA ASN A 105 1.70 0.67 0.54
C ASN A 105 2.77 1.32 -0.32
N ALA A 106 2.32 2.26 -1.18
CA ALA A 106 3.25 3.00 -2.01
C ALA A 106 3.11 4.48 -1.65
N GLY A 107 2.85 4.85 -0.41
CA GLY A 107 2.74 6.25 -0.03
C GLY A 107 1.31 6.43 0.52
N PRO A 108 0.92 7.68 0.88
CA PRO A 108 -0.42 7.94 1.49
C PRO A 108 -1.58 7.40 0.66
N HIS A 109 -2.49 6.68 1.33
CA HIS A 109 -3.72 6.29 0.70
C HIS A 109 -3.59 5.38 -0.50
N THR A 110 -2.63 4.42 -0.39
CA THR A 110 -2.47 3.49 -1.50
C THR A 110 -2.51 2.03 -0.96
N ASN A 111 -3.30 1.74 0.08
CA ASN A 111 -3.42 0.34 0.53
C ASN A 111 -4.07 -0.55 -0.52
N GLY A 112 -3.52 -1.78 -0.68
CA GLY A 112 -4.18 -2.72 -1.57
C GLY A 112 -4.46 -4.02 -0.85
N SER A 113 -3.80 -5.12 -1.25
CA SER A 113 -4.03 -6.36 -0.56
C SER A 113 -2.70 -6.78 0.21
N GLN A 114 -1.56 -6.19 -0.14
CA GLN A 114 -0.26 -6.61 0.46
C GLN A 114 -0.21 -6.14 1.91
N PHE A 115 0.28 -7.00 2.79
CA PHE A 115 0.41 -6.68 4.23
C PHE A 115 1.72 -7.30 4.72
N PHE A 116 2.10 -7.01 5.95
CA PHE A 116 3.24 -7.73 6.51
C PHE A 116 2.93 -8.02 8.00
N ILE A 117 3.67 -8.98 8.55
CA ILE A 117 3.55 -9.35 9.95
C ILE A 117 4.92 -9.01 10.52
N THR A 118 4.94 -8.11 11.49
CA THR A 118 6.20 -7.73 12.09
C THR A 118 6.82 -8.88 12.92
N THR A 119 8.16 -8.93 13.01
CA THR A 119 8.80 -9.92 13.93
C THR A 119 9.64 -9.25 14.94
N VAL A 120 9.65 -7.91 14.95
CA VAL A 120 10.32 -7.11 15.93
C VAL A 120 9.48 -5.84 16.11
N VAL A 121 9.86 -5.00 17.08
CA VAL A 121 9.21 -3.68 17.21
C VAL A 121 9.66 -2.79 16.00
N THR A 122 8.73 -2.11 15.31
CA THR A 122 9.11 -1.39 14.08
C THR A 122 8.51 0.01 14.19
N SER A 123 8.93 0.75 15.20
CA SER A 123 8.15 1.94 15.52
C SER A 123 8.45 3.06 14.50
N TRP A 124 9.54 2.93 13.73
CA TRP A 124 9.78 3.86 12.62
C TRP A 124 8.70 3.77 11.50
N LEU A 125 7.87 2.72 11.47
CA LEU A 125 6.76 2.66 10.51
C LEU A 125 5.50 3.42 11.01
N ASP A 126 5.49 3.84 12.28
CA ASP A 126 4.25 4.48 12.86
C ASP A 126 3.88 5.72 12.06
N GLY A 127 2.61 5.85 11.72
CA GLY A 127 2.12 7.08 11.06
C GLY A 127 2.29 6.93 9.55
N LYS A 128 2.90 5.82 9.06
CA LYS A 128 3.00 5.59 7.65
C LYS A 128 2.35 4.32 7.15
N HIS A 129 2.14 3.32 8.05
CA HIS A 129 1.49 2.09 7.67
C HIS A 129 0.40 1.87 8.68
N VAL A 130 -0.75 1.42 8.21
CA VAL A 130 -1.85 1.21 9.10
C VAL A 130 -1.74 -0.20 9.74
N VAL A 131 -1.69 -0.22 11.07
CA VAL A 131 -1.75 -1.48 11.86
C VAL A 131 -3.18 -1.87 12.06
N PHE A 132 -3.50 -3.13 11.80
CA PHE A 132 -4.93 -3.51 11.82
C PHE A 132 -5.18 -4.89 12.47
N GLY A 133 -4.16 -5.52 13.05
CA GLY A 133 -4.49 -6.83 13.68
C GLY A 133 -3.21 -7.41 14.37
N GLU A 134 -3.35 -8.57 15.04
CA GLU A 134 -2.18 -9.17 15.69
C GLU A 134 -2.38 -10.70 15.58
N VAL A 135 -1.25 -11.39 15.60
CA VAL A 135 -1.25 -12.85 15.64
C VAL A 135 -1.74 -13.29 17.04
N VAL A 136 -2.75 -14.13 17.13
CA VAL A 136 -3.11 -14.64 18.44
C VAL A 136 -2.80 -16.16 18.60
N GLU A 137 -2.53 -16.89 17.50
CA GLU A 137 -2.02 -18.26 17.64
C GLU A 137 -1.04 -18.44 16.51
N GLY A 138 -0.03 -19.31 16.71
CA GLY A 138 0.87 -19.63 15.60
C GLY A 138 2.04 -18.69 15.46
N MET A 139 2.45 -17.98 16.52
CA MET A 139 3.75 -17.29 16.46
C MET A 139 4.90 -18.27 16.19
N ASP A 140 4.75 -19.56 16.54
CA ASP A 140 5.71 -20.63 16.16
CA ASP A 140 5.84 -20.48 16.17
C ASP A 140 5.85 -20.70 14.64
N VAL A 141 4.70 -20.63 14.00
CA VAL A 141 4.67 -20.76 12.55
C VAL A 141 5.29 -19.48 11.93
N VAL A 142 4.91 -18.32 12.48
CA VAL A 142 5.57 -17.07 12.06
C VAL A 142 7.13 -17.20 12.11
N LYS A 143 7.65 -17.80 13.18
CA LYS A 143 9.09 -18.04 13.38
CA LYS A 143 9.08 -17.97 13.31
C LYS A 143 9.70 -18.89 12.27
N LYS A 144 9.01 -19.96 11.96
CA LYS A 144 9.46 -20.88 10.96
C LYS A 144 9.47 -20.18 9.58
N VAL A 145 8.50 -19.34 9.34
CA VAL A 145 8.47 -18.65 8.01
C VAL A 145 9.58 -17.63 8.00
N GLU A 146 9.77 -16.90 9.09
CA GLU A 146 10.81 -15.90 9.15
C GLU A 146 12.20 -16.57 8.88
N ALA A 147 12.40 -17.82 9.34
CA ALA A 147 13.68 -18.52 9.21
C ALA A 147 14.05 -18.82 7.75
N VAL A 148 13.10 -18.75 6.81
CA VAL A 148 13.51 -18.90 5.44
C VAL A 148 13.76 -17.55 4.70
N GLY A 149 13.70 -16.44 5.44
CA GLY A 149 14.05 -15.16 4.85
C GLY A 149 15.53 -14.98 4.61
N THR A 150 15.91 -13.89 3.89
CA THR A 150 17.28 -13.69 3.55
C THR A 150 17.52 -12.18 3.51
N GLN A 151 18.79 -11.79 3.32
CA GLN A 151 19.18 -10.41 3.27
C GLN A 151 18.40 -9.70 2.13
N SER A 152 18.18 -10.42 1.03
CA SER A 152 17.52 -9.81 -0.18
C SER A 152 16.00 -9.81 0.00
N GLY A 153 15.48 -10.54 0.97
CA GLY A 153 14.01 -10.75 1.16
C GLY A 153 13.43 -11.88 0.30
N LYS A 154 14.24 -12.38 -0.65
CA LYS A 154 13.74 -13.50 -1.48
C LYS A 154 13.79 -14.79 -0.59
N PRO A 155 12.66 -15.46 -0.38
CA PRO A 155 12.65 -16.58 0.55
C PRO A 155 13.53 -17.75 -0.01
N SER A 156 14.17 -18.47 0.88
CA SER A 156 15.03 -19.56 0.38
C SER A 156 14.19 -20.85 0.12
N LYS A 157 12.89 -20.84 0.52
CA LYS A 157 11.95 -21.95 0.25
CA LYS A 157 11.95 -21.95 0.25
C LYS A 157 10.61 -21.27 0.01
N VAL A 158 9.72 -21.87 -0.80
CA VAL A 158 8.47 -21.23 -1.15
C VAL A 158 7.57 -21.30 0.08
N VAL A 159 6.95 -20.18 0.48
CA VAL A 159 6.03 -20.22 1.65
C VAL A 159 4.60 -19.92 1.12
N LYS A 160 3.70 -20.87 1.25
CA LYS A 160 2.39 -20.69 0.65
C LYS A 160 1.29 -20.60 1.69
N ILE A 161 0.24 -19.82 1.39
CA ILE A 161 -0.99 -19.87 2.20
C ILE A 161 -1.86 -20.95 1.54
N THR A 162 -1.91 -22.14 2.13
CA THR A 162 -2.55 -23.23 1.41
C THR A 162 -4.07 -23.16 1.66
N ALA A 163 -4.48 -22.48 2.74
CA ALA A 163 -5.89 -22.25 2.99
C ALA A 163 -6.01 -21.03 3.86
N SER A 164 -7.15 -20.31 3.72
CA SER A 164 -7.40 -19.15 4.58
C SER A 164 -8.91 -18.99 4.72
N GLY A 165 -9.33 -18.26 5.75
CA GLY A 165 -10.81 -18.08 6.01
C GLY A 165 -10.97 -17.59 7.42
N THR A 166 -12.16 -17.77 8.02
CA THR A 166 -12.34 -17.23 9.36
C THR A 166 -12.56 -18.43 10.24
N VAL A 167 -12.30 -18.32 11.52
CA VAL A 167 -12.52 -19.42 12.40
C VAL A 167 -13.49 -18.89 13.45
N GLN B 6 47.59 0.14 1.77
CA GLN B 6 46.09 -0.11 1.52
C GLN B 6 45.13 0.93 2.11
N PRO B 7 44.85 2.01 1.42
CA PRO B 7 44.17 3.14 2.10
C PRO B 7 42.62 3.01 2.29
N ASN B 8 42.09 3.83 3.21
CA ASN B 8 40.64 3.94 3.46
C ASN B 8 39.94 4.46 2.23
N VAL B 9 38.66 4.15 2.13
CA VAL B 9 37.88 4.55 0.97
C VAL B 9 36.86 5.56 1.38
N TYR B 10 36.55 6.54 0.52
CA TYR B 10 35.49 7.46 0.85
C TYR B 10 34.43 7.50 -0.17
N PHE B 11 33.19 7.87 0.26
CA PHE B 11 32.15 8.20 -0.68
C PHE B 11 31.68 9.56 -0.27
N ASP B 12 31.44 10.46 -1.24
CA ASP B 12 30.63 11.69 -0.93
C ASP B 12 29.27 11.41 -1.36
N ILE B 13 28.30 11.88 -0.56
CA ILE B 13 26.90 11.44 -0.79
C ILE B 13 26.05 12.65 -1.04
N SER B 14 25.07 12.54 -1.93
CA SER B 14 24.03 13.53 -1.96
C SER B 14 22.69 12.86 -1.76
N ILE B 15 21.75 13.61 -1.21
CA ILE B 15 20.42 13.10 -0.97
C ILE B 15 19.48 14.13 -1.59
N ASP B 16 18.62 13.65 -2.49
CA ASP B 16 17.77 14.56 -3.27
C ASP B 16 18.63 15.69 -3.96
N ASN B 17 19.81 15.34 -4.45
CA ASN B 17 20.78 16.27 -4.95
C ASN B 17 21.37 17.33 -4.08
N GLN B 18 21.22 17.25 -2.73
CA GLN B 18 21.93 18.16 -1.85
CA GLN B 18 21.92 18.17 -1.85
C GLN B 18 23.06 17.39 -1.19
N ASN B 19 24.28 17.93 -1.19
CA ASN B 19 25.40 17.25 -0.52
CA ASN B 19 25.39 17.32 -0.54
C ASN B 19 25.09 16.98 0.94
N ALA B 20 25.40 15.74 1.36
CA ALA B 20 25.00 15.30 2.71
C ALA B 20 26.28 15.01 3.46
N GLY B 21 27.45 14.99 2.81
CA GLY B 21 28.74 14.80 3.51
C GLY B 21 29.42 13.51 3.04
N ARG B 22 30.48 13.08 3.75
CA ARG B 22 31.35 12.04 3.33
C ARG B 22 31.32 10.84 4.32
N ILE B 23 31.34 9.60 3.79
CA ILE B 23 31.53 8.40 4.59
C ILE B 23 32.93 7.88 4.27
N VAL B 24 33.69 7.48 5.29
CA VAL B 24 35.02 6.90 5.09
C VAL B 24 34.98 5.49 5.69
N PHE B 25 35.55 4.54 4.93
CA PHE B 25 35.53 3.13 5.34
C PHE B 25 36.95 2.68 5.52
N LYS B 26 37.18 1.87 6.55
CA LYS B 26 38.39 1.11 6.69
C LYS B 26 38.07 -0.30 6.20
N LEU B 27 38.92 -0.90 5.32
CA LEU B 27 38.65 -2.25 4.81
C LEU B 27 39.53 -3.25 5.48
N TYR B 28 39.10 -4.51 5.60
CA TYR B 28 39.84 -5.53 6.32
C TYR B 28 40.71 -6.32 5.34
N ASP B 29 41.63 -5.61 4.67
CA ASP B 29 42.54 -6.27 3.69
C ASP B 29 43.33 -7.42 4.27
N ASP B 30 43.68 -7.37 5.56
CA ASP B 30 44.45 -8.45 6.17
C ASP B 30 43.65 -9.73 6.29
N VAL B 31 42.33 -9.65 6.29
CA VAL B 31 41.51 -10.82 6.47
C VAL B 31 40.80 -11.24 5.15
N VAL B 32 40.29 -10.26 4.38
CA VAL B 32 39.55 -10.61 3.14
C VAL B 32 40.18 -9.74 2.03
N PRO B 33 41.44 -10.07 1.68
CA PRO B 33 42.16 -9.15 0.73
C PRO B 33 41.48 -9.01 -0.63
N LEU B 34 40.91 -10.07 -1.20
CA LEU B 34 40.30 -9.89 -2.53
C LEU B 34 38.97 -9.11 -2.45
N THR B 35 38.23 -9.28 -1.36
CA THR B 35 36.95 -8.58 -1.23
C THR B 35 37.21 -7.10 -1.01
N ALA B 36 38.20 -6.77 -0.21
CA ALA B 36 38.56 -5.36 0.00
C ALA B 36 39.12 -4.80 -1.28
N LYS B 37 39.97 -5.55 -2.01
CA LYS B 37 40.52 -4.99 -3.29
C LYS B 37 39.44 -4.66 -4.24
N ASN B 38 38.44 -5.56 -4.36
CA ASN B 38 37.30 -5.29 -5.28
C ASN B 38 36.56 -4.03 -4.94
N PHE B 39 36.21 -3.84 -3.66
CA PHE B 39 35.42 -2.62 -3.34
C PHE B 39 36.29 -1.37 -3.52
N ARG B 40 37.57 -1.45 -3.11
CA ARG B 40 38.45 -0.30 -3.20
C ARG B 40 38.64 0.11 -4.71
N GLU B 41 38.89 -0.89 -5.57
CA GLU B 41 39.02 -0.55 -7.03
C GLU B 41 37.73 0.00 -7.66
N LEU B 42 36.55 -0.58 -7.31
CA LEU B 42 35.32 -0.07 -7.80
C LEU B 42 35.10 1.33 -7.23
N ALA B 43 35.65 1.65 -6.03
CA ALA B 43 35.44 3.02 -5.56
C ALA B 43 36.36 4.03 -6.40
N LYS B 44 37.57 3.58 -6.67
CA LYS B 44 38.60 4.41 -7.41
C LYS B 44 38.20 4.52 -8.91
N ASN B 45 37.53 3.52 -9.50
CA ASN B 45 37.12 3.65 -10.92
C ASN B 45 36.38 4.91 -11.32
N PRO B 46 36.42 5.24 -12.66
CA PRO B 46 35.62 6.39 -13.15
C PRO B 46 34.13 6.08 -13.17
N ALA B 47 33.28 7.11 -13.19
CA ALA B 47 31.83 6.91 -13.36
C ALA B 47 31.50 5.93 -14.52
N GLY B 48 30.52 5.07 -14.30
CA GLY B 48 30.15 4.03 -15.21
C GLY B 48 30.92 2.74 -15.06
N GLN B 49 32.12 2.78 -14.44
CA GLN B 49 32.93 1.59 -14.26
CA GLN B 49 32.88 1.55 -14.26
C GLN B 49 33.01 1.17 -12.77
N GLY B 50 32.24 1.82 -11.92
CA GLY B 50 32.23 1.52 -10.46
C GLY B 50 31.27 2.37 -9.70
N TYR B 51 31.60 2.65 -8.44
CA TYR B 51 30.59 3.30 -7.56
C TYR B 51 30.32 4.76 -7.82
N THR B 52 31.28 5.47 -8.43
CA THR B 52 31.03 6.93 -8.65
C THR B 52 29.83 7.12 -9.57
N GLY B 53 28.89 7.91 -9.13
CA GLY B 53 27.73 8.22 -9.91
C GLY B 53 26.66 7.15 -9.72
N SER B 54 26.86 6.11 -8.88
CA SER B 54 25.73 5.12 -8.72
C SER B 54 24.95 5.58 -7.42
N THR B 55 23.92 4.80 -7.05
CA THR B 55 22.99 5.21 -6.00
C THR B 55 22.92 4.09 -4.88
N PHE B 56 22.45 4.49 -3.68
CA PHE B 56 21.97 3.44 -2.70
C PHE B 56 20.56 3.18 -3.12
N HIS B 57 20.31 2.09 -3.83
CA HIS B 57 18.99 1.88 -4.44
C HIS B 57 18.02 1.14 -3.52
N ARG B 58 18.50 0.67 -2.38
CA ARG B 58 17.66 -0.15 -1.46
C ARG B 58 18.07 0.20 -0.04
N ILE B 59 17.17 0.81 0.71
CA ILE B 59 17.52 1.31 2.06
C ILE B 59 16.38 0.92 3.01
N ILE B 60 16.71 0.14 4.06
CA ILE B 60 15.66 -0.36 4.99
C ILE B 60 16.12 0.09 6.37
N PRO B 61 15.38 1.05 6.96
CA PRO B 61 15.77 1.53 8.28
C PRO B 61 15.79 0.40 9.36
N GLN B 62 16.70 0.56 10.33
CA GLN B 62 16.95 -0.47 11.35
CA GLN B 62 17.02 -0.47 11.39
C GLN B 62 17.42 -1.79 10.72
N PHE B 63 18.05 -1.67 9.53
CA PHE B 63 18.62 -2.89 8.97
C PHE B 63 19.93 -2.50 8.22
N MET B 64 19.80 -1.92 7.01
CA MET B 64 21.01 -1.62 6.22
C MET B 64 20.70 -0.74 5.00
N LEU B 65 21.78 -0.18 4.44
CA LEU B 65 21.71 0.61 3.20
C LEU B 65 22.49 -0.21 2.16
N GLN B 66 21.91 -0.38 0.98
CA GLN B 66 22.53 -1.28 -0.01
C GLN B 66 22.75 -0.51 -1.33
N GLY B 67 23.93 -0.65 -1.86
CA GLY B 67 24.28 -0.01 -3.14
C GLY B 67 25.16 -0.90 -3.98
N GLY B 68 25.86 -0.24 -4.91
CA GLY B 68 26.85 -0.99 -5.68
C GLY B 68 26.35 -1.57 -7.03
N ASP B 69 25.07 -1.36 -7.37
CA ASP B 69 24.55 -1.86 -8.64
C ASP B 69 24.75 -0.72 -9.68
N PHE B 70 25.97 -0.57 -10.12
CA PHE B 70 26.32 0.59 -10.99
C PHE B 70 25.97 0.33 -12.47
N THR B 71 25.46 -0.86 -12.80
CA THR B 71 25.08 -1.14 -14.20
C THR B 71 23.56 -0.98 -14.34
N ASN B 72 22.74 -1.51 -13.41
CA ASN B 72 21.27 -1.39 -13.56
C ASN B 72 20.55 -0.52 -12.55
N HIS B 73 21.27 -0.06 -11.51
CA HIS B 73 20.70 0.80 -10.46
C HIS B 73 19.45 0.27 -9.77
N ASN B 74 19.24 -1.05 -9.76
CA ASN B 74 18.05 -1.52 -9.12
C ASN B 74 18.25 -2.82 -8.37
N GLY B 75 19.48 -3.36 -8.27
CA GLY B 75 19.66 -4.60 -7.50
C GLY B 75 19.80 -5.76 -8.45
N THR B 76 19.57 -5.59 -9.76
CA THR B 76 19.78 -6.77 -10.65
C THR B 76 21.22 -6.80 -11.28
N GLY B 77 22.01 -5.73 -11.16
CA GLY B 77 23.25 -5.67 -11.90
C GLY B 77 24.52 -5.68 -11.03
N GLY B 78 25.54 -5.05 -11.57
CA GLY B 78 26.85 -4.92 -10.97
C GLY B 78 27.75 -6.05 -11.36
N ARG B 79 29.03 -5.91 -11.13
CA ARG B 79 29.98 -7.00 -11.40
CA ARG B 79 29.94 -7.04 -11.31
C ARG B 79 31.20 -6.70 -10.57
N SER B 80 31.94 -7.72 -10.17
CA SER B 80 33.14 -7.45 -9.44
C SER B 80 34.28 -7.13 -10.46
N ILE B 81 35.45 -6.74 -9.95
CA ILE B 81 36.61 -6.50 -10.86
C ILE B 81 37.06 -7.87 -11.43
N TYR B 82 36.64 -8.99 -10.82
CA TYR B 82 37.11 -10.28 -11.28
C TYR B 82 36.21 -10.94 -12.30
N GLY B 83 35.02 -10.39 -12.52
CA GLY B 83 34.04 -11.00 -13.34
C GLY B 83 32.68 -10.92 -12.60
N ASN B 84 31.66 -11.56 -13.15
CA ASN B 84 30.32 -11.40 -12.56
C ASN B 84 30.20 -11.91 -11.09
N LYS B 85 30.96 -12.97 -10.76
CA LYS B 85 30.85 -13.62 -9.47
C LYS B 85 32.22 -13.93 -8.97
N PHE B 86 32.49 -13.70 -7.68
CA PHE B 86 33.72 -14.23 -7.06
C PHE B 86 33.39 -14.90 -5.68
N LYS B 87 34.35 -15.64 -5.16
CA LYS B 87 34.11 -16.57 -4.07
C LYS B 87 33.91 -15.78 -2.74
N ASP B 88 33.28 -16.47 -1.79
CA ASP B 88 33.25 -16.02 -0.42
C ASP B 88 34.64 -16.35 0.13
N GLU B 89 35.48 -15.37 0.39
CA GLU B 89 36.85 -15.69 0.83
C GLU B 89 36.87 -16.40 2.14
N ASN B 90 36.10 -15.90 3.12
CA ASN B 90 35.96 -16.61 4.36
C ASN B 90 34.82 -15.86 5.15
N PHE B 91 34.37 -16.45 6.26
CA PHE B 91 33.41 -15.77 7.10
C PHE B 91 34.06 -15.61 8.50
N GLN B 92 35.36 -15.32 8.52
CA GLN B 92 36.03 -15.12 9.80
C GLN B 92 35.37 -13.91 10.58
N LEU B 93 35.06 -12.79 9.90
CA LEU B 93 34.50 -11.63 10.56
C LEU B 93 32.94 -11.74 10.63
N LYS B 94 32.38 -11.49 11.81
CA LYS B 94 30.94 -11.54 12.00
C LYS B 94 30.32 -10.14 12.02
N HIS B 95 28.98 -10.09 11.97
CA HIS B 95 28.29 -8.82 11.91
C HIS B 95 27.99 -8.42 13.36
N THR B 96 28.99 -7.95 14.03
CA THR B 96 28.96 -7.82 15.50
C THR B 96 28.73 -6.38 16.01
N LYS B 97 28.69 -5.40 15.11
CA LYS B 97 28.39 -3.98 15.44
C LYS B 97 27.78 -3.28 14.24
N PRO B 98 27.14 -2.12 14.48
CA PRO B 98 26.54 -1.34 13.38
C PRO B 98 27.68 -0.76 12.55
N GLY B 99 27.33 -0.33 11.34
CA GLY B 99 28.32 0.38 10.53
C GLY B 99 29.39 -0.56 9.90
N LEU B 100 29.02 -1.78 9.57
CA LEU B 100 29.96 -2.73 8.87
C LEU B 100 29.58 -2.77 7.40
N LEU B 101 30.61 -3.01 6.57
CA LEU B 101 30.39 -3.30 5.14
C LEU B 101 30.30 -4.80 4.96
N SER B 102 29.30 -5.25 4.24
CA SER B 102 29.20 -6.68 4.02
C SER B 102 28.73 -6.90 2.57
N MET B 103 29.04 -8.04 1.93
CA MET B 103 28.64 -8.22 0.51
C MET B 103 27.21 -8.76 0.38
N ALA B 104 26.39 -8.19 -0.55
CA ALA B 104 25.14 -8.83 -0.97
C ALA B 104 25.50 -10.03 -1.87
N ASN B 105 24.63 -11.02 -2.00
CA ASN B 105 25.02 -12.09 -2.93
C ASN B 105 23.72 -12.84 -3.29
N ALA B 106 23.86 -13.87 -4.10
CA ALA B 106 22.68 -14.63 -4.56
C ALA B 106 22.97 -16.05 -4.13
N GLY B 107 23.62 -16.27 -2.97
CA GLY B 107 23.97 -17.66 -2.57
C GLY B 107 25.53 -17.80 -2.48
N PRO B 108 26.03 -18.99 -2.15
CA PRO B 108 27.45 -19.23 -1.94
C PRO B 108 28.31 -18.80 -3.18
N HIS B 109 29.39 -18.06 -2.94
CA HIS B 109 30.36 -17.71 -4.05
C HIS B 109 29.76 -16.95 -5.22
N THR B 110 28.91 -15.94 -4.90
CA THR B 110 28.32 -15.18 -5.97
C THR B 110 28.50 -13.69 -5.70
N ASN B 111 29.59 -13.28 -5.06
CA ASN B 111 29.80 -11.83 -4.82
C ASN B 111 30.02 -11.10 -6.14
N GLY B 112 29.43 -9.89 -6.26
CA GLY B 112 29.69 -9.03 -7.41
C GLY B 112 30.21 -7.68 -6.98
N SER B 113 29.42 -6.64 -7.18
CA SER B 113 29.82 -5.32 -6.72
C SER B 113 28.80 -4.83 -5.64
N GLN B 114 27.65 -5.49 -5.50
CA GLN B 114 26.67 -4.95 -4.52
C GLN B 114 27.12 -5.25 -3.09
N PHE B 115 26.94 -4.25 -2.21
CA PHE B 115 27.36 -4.39 -0.82
C PHE B 115 26.28 -3.69 0.02
N PHE B 116 26.34 -3.84 1.36
CA PHE B 116 25.45 -2.99 2.18
C PHE B 116 26.20 -2.52 3.41
N ILE B 117 25.70 -1.47 4.03
CA ILE B 117 26.28 -0.94 5.22
C ILE B 117 25.20 -1.21 6.32
N THR B 118 25.55 -1.95 7.35
CA THR B 118 24.50 -2.27 8.34
C THR B 118 24.27 -1.04 9.28
N THR B 119 23.07 -0.87 9.73
CA THR B 119 22.89 0.22 10.77
C THR B 119 22.47 -0.38 12.10
N VAL B 120 22.45 -1.72 12.19
CA VAL B 120 22.18 -2.43 13.50
C VAL B 120 23.12 -3.65 13.47
N VAL B 121 23.19 -4.38 14.56
CA VAL B 121 23.93 -5.66 14.60
C VAL B 121 23.13 -6.69 13.82
N THR B 122 23.66 -7.25 12.71
CA THR B 122 22.84 -8.19 11.93
C THR B 122 23.48 -9.59 12.05
N SER B 123 23.46 -10.17 13.23
CA SER B 123 24.26 -11.41 13.31
C SER B 123 23.64 -12.57 12.62
N TRP B 124 22.32 -12.51 12.30
CA TRP B 124 21.74 -13.57 11.54
C TRP B 124 22.31 -13.69 10.09
N LEU B 125 23.10 -12.73 9.63
CA LEU B 125 23.78 -12.86 8.27
C LEU B 125 25.15 -13.53 8.42
N ASP B 126 25.58 -13.81 9.65
CA ASP B 126 26.90 -14.45 9.85
C ASP B 126 27.03 -15.74 9.06
N GLY B 127 28.16 -15.95 8.38
CA GLY B 127 28.42 -17.24 7.66
C GLY B 127 27.73 -17.26 6.29
N LYS B 128 26.94 -16.23 5.96
CA LYS B 128 26.30 -16.15 4.65
C LYS B 128 26.74 -14.94 3.84
N HIS B 129 27.20 -13.88 4.50
CA HIS B 129 27.67 -12.66 3.84
C HIS B 129 29.03 -12.38 4.36
N VAL B 130 29.95 -11.98 3.44
CA VAL B 130 31.28 -11.74 3.87
C VAL B 130 31.40 -10.29 4.36
N VAL B 131 31.86 -10.14 5.61
CA VAL B 131 32.11 -8.81 6.20
C VAL B 131 33.52 -8.36 5.79
N PHE B 132 33.67 -7.12 5.32
CA PHE B 132 34.93 -6.74 4.74
C PHE B 132 35.37 -5.33 5.09
N GLY B 133 34.61 -4.60 5.94
CA GLY B 133 35.15 -3.28 6.39
C GLY B 133 34.16 -2.62 7.33
N GLU B 134 34.39 -1.35 7.67
CA GLU B 134 33.53 -0.69 8.68
C GLU B 134 33.58 0.82 8.39
N VAL B 135 32.49 1.54 8.74
CA VAL B 135 32.48 3.00 8.69
C VAL B 135 33.42 3.54 9.80
N VAL B 136 34.40 4.37 9.47
CA VAL B 136 35.25 5.01 10.45
C VAL B 136 35.01 6.56 10.54
N GLU B 137 34.37 7.17 9.55
CA GLU B 137 33.91 8.55 9.67
C GLU B 137 32.60 8.66 8.91
N GLY B 138 31.76 9.58 9.33
CA GLY B 138 30.51 9.89 8.61
C GLY B 138 29.37 8.92 8.97
N MET B 139 29.38 8.27 10.16
CA MET B 139 28.18 7.51 10.55
C MET B 139 26.96 8.47 10.61
N ASP B 140 27.19 9.76 10.84
CA ASP B 140 26.02 10.67 10.84
C ASP B 140 25.45 10.78 9.44
N VAL B 141 26.34 10.71 8.43
CA VAL B 141 25.81 10.67 7.02
C VAL B 141 25.07 9.37 6.75
N VAL B 142 25.66 8.24 7.20
CA VAL B 142 24.92 6.93 7.10
C VAL B 142 23.51 7.08 7.67
N LYS B 143 23.34 7.77 8.84
CA LYS B 143 22.02 7.81 9.43
C LYS B 143 21.11 8.72 8.61
N LYS B 144 21.68 9.77 8.02
CA LYS B 144 20.83 10.61 7.09
C LYS B 144 20.30 9.79 5.92
N VAL B 145 21.14 8.90 5.39
CA VAL B 145 20.72 8.09 4.24
C VAL B 145 19.68 7.09 4.71
N GLU B 146 19.96 6.47 5.87
CA GLU B 146 18.98 5.53 6.43
C GLU B 146 17.59 6.21 6.61
N ALA B 147 17.57 7.51 6.98
CA ALA B 147 16.27 8.19 7.28
C ALA B 147 15.43 8.36 5.96
N VAL B 148 16.00 8.12 4.79
CA VAL B 148 15.08 8.12 3.58
C VAL B 148 14.69 6.73 3.16
N GLY B 149 15.05 5.73 3.96
CA GLY B 149 14.54 4.36 3.63
C GLY B 149 13.06 4.18 3.96
N THR B 150 12.45 3.06 3.52
CA THR B 150 11.03 2.85 3.73
C THR B 150 10.86 1.35 3.92
N GLN B 151 9.62 0.95 4.21
CA GLN B 151 9.29 -0.43 4.44
C GLN B 151 9.66 -1.31 3.20
N SER B 152 9.44 -0.80 1.99
CA SER B 152 9.68 -1.51 0.78
C SER B 152 11.14 -1.47 0.42
N GLY B 153 11.95 -0.66 1.09
CA GLY B 153 13.36 -0.50 0.67
C GLY B 153 13.60 0.53 -0.45
N LYS B 154 12.50 0.96 -1.08
CA LYS B 154 12.63 2.04 -2.09
C LYS B 154 12.88 3.41 -1.42
N PRO B 155 13.99 4.11 -1.73
CA PRO B 155 14.32 5.31 -0.99
C PRO B 155 13.29 6.39 -1.36
N SER B 156 12.93 7.21 -0.40
CA SER B 156 11.92 8.25 -0.66
C SER B 156 12.64 9.53 -1.23
N LYS B 157 13.98 9.59 -1.25
CA LYS B 157 14.74 10.61 -2.05
C LYS B 157 15.89 9.87 -2.68
N VAL B 158 16.48 10.43 -3.74
CA VAL B 158 17.54 9.73 -4.48
CA VAL B 158 17.50 9.67 -4.43
C VAL B 158 18.81 9.86 -3.71
N VAL B 159 19.56 8.77 -3.51
CA VAL B 159 20.78 8.95 -2.75
C VAL B 159 21.90 8.58 -3.67
N LYS B 160 22.83 9.51 -3.96
CA LYS B 160 23.88 9.21 -4.95
C LYS B 160 25.24 9.27 -4.34
N ILE B 161 26.15 8.45 -4.83
CA ILE B 161 27.53 8.56 -4.45
C ILE B 161 28.10 9.55 -5.51
N THR B 162 28.40 10.79 -5.08
CA THR B 162 28.70 11.79 -6.17
C THR B 162 30.21 11.74 -6.45
N ALA B 163 30.98 11.14 -5.57
CA ALA B 163 32.39 10.93 -5.82
C ALA B 163 32.83 9.78 -4.92
N SER B 164 33.87 9.02 -5.32
CA SER B 164 34.40 7.98 -4.42
C SER B 164 35.84 7.78 -4.78
N GLY B 165 36.63 7.21 -3.88
CA GLY B 165 38.06 7.05 -4.16
C GLY B 165 38.75 6.70 -2.87
N THR B 166 40.08 6.81 -2.81
CA THR B 166 40.75 6.55 -1.56
C THR B 166 41.23 7.85 -0.89
N VAL B 167 41.39 7.77 0.40
CA VAL B 167 41.80 8.86 1.17
C VAL B 167 43.32 8.78 1.01
N GLN C 6 -30.32 -3.41 6.52
CA GLN C 6 -29.74 -2.06 6.15
C GLN C 6 -30.89 -1.09 5.87
N PRO C 7 -30.94 -0.03 6.64
CA PRO C 7 -32.16 0.80 6.53
C PRO C 7 -32.14 1.72 5.23
N ASN C 8 -33.33 2.09 4.76
CA ASN C 8 -33.54 3.09 3.75
C ASN C 8 -32.85 4.42 4.08
N VAL C 9 -32.51 5.20 3.02
CA VAL C 9 -31.79 6.48 3.23
C VAL C 9 -32.81 7.63 2.86
N TYR C 10 -32.80 8.71 3.63
CA TYR C 10 -33.64 9.84 3.20
C TYR C 10 -32.75 11.09 2.92
N PHE C 11 -33.22 11.97 2.01
CA PHE C 11 -32.70 13.34 1.93
C PHE C 11 -33.93 14.27 2.15
N ASP C 12 -33.80 15.26 3.01
CA ASP C 12 -34.77 16.43 2.94
C ASP C 12 -34.14 17.43 2.00
N ILE C 13 -35.00 18.08 1.20
CA ILE C 13 -34.54 18.87 0.03
C ILE C 13 -35.11 20.28 0.30
N SER C 14 -34.30 21.31 0.04
CA SER C 14 -34.87 22.66 -0.19
C SER C 14 -34.58 23.12 -1.64
N ILE C 15 -35.50 23.92 -2.22
CA ILE C 15 -35.28 24.50 -3.52
C ILE C 15 -35.40 26.02 -3.32
N ASP C 16 -34.35 26.78 -3.66
CA ASP C 16 -34.36 28.22 -3.38
C ASP C 16 -34.54 28.48 -1.87
N ASN C 17 -33.91 27.62 -1.05
CA ASN C 17 -34.02 27.62 0.42
CA ASN C 17 -34.01 27.75 0.39
C ASN C 17 -35.44 27.51 0.97
N GLN C 18 -36.32 26.93 0.21
CA GLN C 18 -37.68 26.61 0.68
C GLN C 18 -37.85 25.07 0.71
N ASN C 19 -38.28 24.54 1.86
CA ASN C 19 -38.47 23.11 2.01
C ASN C 19 -39.28 22.60 0.88
N ALA C 20 -38.83 21.53 0.23
CA ALA C 20 -39.56 20.90 -0.81
C ALA C 20 -40.02 19.45 -0.44
N GLY C 21 -39.63 18.90 0.68
CA GLY C 21 -40.10 17.58 1.09
C GLY C 21 -38.88 16.62 1.17
N ARG C 22 -39.17 15.32 1.05
CA ARG C 22 -38.22 14.26 1.45
C ARG C 22 -38.19 13.25 0.36
N ILE C 23 -36.96 12.79 -0.03
CA ILE C 23 -36.90 11.66 -0.95
C ILE C 23 -36.34 10.49 -0.10
N VAL C 24 -36.91 9.30 -0.27
CA VAL C 24 -36.43 8.15 0.53
C VAL C 24 -36.01 7.13 -0.50
N PHE C 25 -34.83 6.51 -0.29
CA PHE C 25 -34.29 5.56 -1.27
C PHE C 25 -34.18 4.13 -0.62
N LYS C 26 -34.38 3.10 -1.39
CA LYS C 26 -34.02 1.77 -0.92
C LYS C 26 -32.77 1.37 -1.69
N LEU C 27 -31.73 0.91 -0.99
CA LEU C 27 -30.47 0.58 -1.67
C LEU C 27 -30.39 -0.94 -1.88
N TYR C 28 -29.73 -1.36 -2.95
CA TYR C 28 -29.65 -2.77 -3.28
C TYR C 28 -28.41 -3.43 -2.62
N ASP C 29 -28.39 -3.43 -1.30
CA ASP C 29 -27.24 -3.98 -0.56
C ASP C 29 -26.94 -5.46 -0.88
N ASP C 30 -27.95 -6.19 -1.32
CA ASP C 30 -27.81 -7.61 -1.69
CA ASP C 30 -27.74 -7.60 -1.63
C ASP C 30 -27.01 -7.74 -2.92
N VAL C 31 -27.05 -6.72 -3.78
CA VAL C 31 -26.37 -6.86 -5.08
C VAL C 31 -25.05 -6.08 -5.15
N VAL C 32 -25.05 -4.85 -4.59
CA VAL C 32 -23.89 -3.97 -4.65
C VAL C 32 -23.63 -3.45 -3.26
N PRO C 33 -23.13 -4.38 -2.35
CA PRO C 33 -23.06 -3.90 -0.96
C PRO C 33 -22.06 -2.79 -0.72
N LEU C 34 -20.93 -2.78 -1.40
CA LEU C 34 -19.99 -1.74 -1.07
C LEU C 34 -20.53 -0.34 -1.60
N THR C 35 -21.19 -0.37 -2.72
CA THR C 35 -21.69 0.88 -3.33
C THR C 35 -22.85 1.43 -2.46
N ALA C 36 -23.76 0.53 -2.02
CA ALA C 36 -24.79 0.94 -1.04
C ALA C 36 -24.22 1.44 0.28
N LYS C 37 -23.18 0.76 0.80
CA LYS C 37 -22.65 1.16 2.08
C LYS C 37 -22.08 2.57 1.94
N ASN C 38 -21.39 2.86 0.83
CA ASN C 38 -20.75 4.17 0.67
C ASN C 38 -21.85 5.29 0.65
N PHE C 39 -22.91 5.04 -0.14
CA PHE C 39 -23.99 6.11 -0.23
C PHE C 39 -24.64 6.25 1.16
N ARG C 40 -24.94 5.12 1.84
CA ARG C 40 -25.59 5.25 3.15
C ARG C 40 -24.75 5.91 4.17
N GLU C 41 -23.47 5.55 4.23
CA GLU C 41 -22.65 6.22 5.21
C GLU C 41 -22.43 7.75 4.93
N LEU C 42 -22.25 8.10 3.63
CA LEU C 42 -22.12 9.52 3.30
C LEU C 42 -23.47 10.24 3.65
N ALA C 43 -24.61 9.55 3.54
CA ALA C 43 -25.88 10.21 3.92
C ALA C 43 -25.93 10.41 5.46
N LYS C 44 -25.43 9.41 6.20
CA LYS C 44 -25.40 9.53 7.68
C LYS C 44 -24.41 10.49 8.24
N ASN C 45 -23.30 10.70 7.57
CA ASN C 45 -22.24 11.59 8.08
C ASN C 45 -22.69 13.00 8.38
N PRO C 46 -21.96 13.72 9.23
CA PRO C 46 -22.31 15.11 9.52
C PRO C 46 -21.93 16.02 8.31
N ALA C 47 -22.58 17.19 8.24
CA ALA C 47 -22.32 18.19 7.19
C ALA C 47 -20.82 18.37 7.01
N GLY C 48 -20.35 18.46 5.77
CA GLY C 48 -18.93 18.66 5.49
C GLY C 48 -18.23 17.32 5.26
N GLN C 49 -18.81 16.22 5.73
CA GLN C 49 -18.20 14.89 5.61
CA GLN C 49 -18.18 14.91 5.55
C GLN C 49 -19.07 13.96 4.74
N GLY C 50 -20.11 14.51 4.11
CA GLY C 50 -21.04 13.67 3.39
C GLY C 50 -22.09 14.54 2.69
N TYR C 51 -23.25 13.96 2.44
CA TYR C 51 -24.27 14.66 1.63
C TYR C 51 -25.03 15.79 2.35
N THR C 52 -25.13 15.78 3.68
CA THR C 52 -25.92 16.80 4.32
C THR C 52 -25.28 18.16 4.06
N GLY C 53 -26.06 19.09 3.53
CA GLY C 53 -25.60 20.45 3.39
C GLY C 53 -25.01 20.55 1.99
N SER C 54 -24.99 19.46 1.18
CA SER C 54 -24.48 19.59 -0.22
C SER C 54 -25.65 19.90 -1.23
N THR C 55 -25.40 19.96 -2.54
CA THR C 55 -26.41 20.45 -3.44
C THR C 55 -26.57 19.46 -4.56
N PHE C 56 -27.70 19.57 -5.29
CA PHE C 56 -27.74 18.90 -6.57
C PHE C 56 -27.23 19.92 -7.55
N HIS C 57 -25.96 19.77 -8.00
CA HIS C 57 -25.30 20.90 -8.70
C HIS C 57 -25.51 20.79 -10.22
N ARG C 58 -26.10 19.69 -10.70
CA ARG C 58 -26.27 19.56 -12.12
C ARG C 58 -27.58 18.83 -12.38
N ILE C 59 -28.52 19.49 -13.12
CA ILE C 59 -29.88 18.89 -13.22
C ILE C 59 -30.33 19.08 -14.65
N ILE C 60 -30.57 17.97 -15.34
CA ILE C 60 -30.92 17.98 -16.76
C ILE C 60 -32.31 17.27 -16.91
N PRO C 61 -33.37 18.06 -17.20
CA PRO C 61 -34.72 17.53 -17.32
C PRO C 61 -34.73 16.45 -18.37
N GLN C 62 -35.56 15.44 -18.13
CA GLN C 62 -35.70 14.29 -19.04
C GLN C 62 -34.41 13.52 -19.13
N PHE C 63 -33.60 13.60 -18.07
CA PHE C 63 -32.41 12.76 -18.06
C PHE C 63 -32.14 12.40 -16.57
N MET C 64 -31.65 13.33 -15.77
CA MET C 64 -31.28 12.97 -14.39
C MET C 64 -30.92 14.18 -13.52
N LEU C 65 -30.87 13.97 -12.20
CA LEU C 65 -30.46 14.92 -11.25
C LEU C 65 -29.15 14.43 -10.63
N GLN C 66 -28.11 15.28 -10.61
CA GLN C 66 -26.81 14.77 -10.14
C GLN C 66 -26.35 15.56 -8.90
N GLY C 67 -25.82 14.87 -7.88
CA GLY C 67 -25.36 15.55 -6.70
C GLY C 67 -24.13 14.80 -6.15
N GLY C 68 -23.82 15.02 -4.87
CA GLY C 68 -22.86 14.20 -4.17
C GLY C 68 -21.48 14.87 -4.13
N ASP C 69 -21.35 16.03 -4.82
CA ASP C 69 -20.06 16.74 -4.76
C ASP C 69 -19.97 17.61 -3.52
N PHE C 70 -19.70 17.00 -2.37
CA PHE C 70 -19.78 17.73 -1.12
C PHE C 70 -18.49 18.46 -0.79
N THR C 71 -17.45 18.35 -1.62
CA THR C 71 -16.22 19.12 -1.29
C THR C 71 -16.12 20.36 -2.19
N ASN C 72 -16.47 20.23 -3.49
CA ASN C 72 -16.34 21.40 -4.39
C ASN C 72 -17.69 21.95 -4.90
N HIS C 73 -18.77 21.18 -4.74
CA HIS C 73 -20.13 21.62 -5.17
C HIS C 73 -20.25 21.95 -6.63
N ASN C 74 -19.43 21.35 -7.50
CA ASN C 74 -19.51 21.74 -8.89
C ASN C 74 -19.18 20.57 -9.80
N GLY C 75 -19.02 19.36 -9.26
CA GLY C 75 -18.86 18.20 -10.18
C GLY C 75 -17.37 17.82 -10.20
N THR C 76 -16.48 18.66 -9.63
CA THR C 76 -15.03 18.24 -9.66
C THR C 76 -14.58 17.47 -8.41
N GLY C 77 -15.40 17.45 -7.35
CA GLY C 77 -14.90 16.93 -6.08
C GLY C 77 -15.65 15.65 -5.58
N GLY C 78 -15.72 15.50 -4.25
CA GLY C 78 -16.33 14.37 -3.61
C GLY C 78 -15.32 13.25 -3.37
N ARG C 79 -15.64 12.29 -2.54
CA ARG C 79 -14.74 11.15 -2.31
CA ARG C 79 -14.78 11.11 -2.42
C ARG C 79 -15.61 10.07 -1.69
N SER C 80 -15.26 8.81 -1.90
CA SER C 80 -16.05 7.73 -1.29
C SER C 80 -15.57 7.56 0.15
N ILE C 81 -16.25 6.72 0.94
CA ILE C 81 -15.75 6.42 2.28
C ILE C 81 -14.44 5.54 2.18
N TYR C 82 -14.13 4.98 1.00
CA TYR C 82 -12.97 4.06 0.85
C TYR C 82 -11.75 4.87 0.42
N GLY C 83 -11.93 6.14 0.05
CA GLY C 83 -10.84 6.91 -0.51
C GLY C 83 -11.38 7.61 -1.78
N ASN C 84 -10.47 8.25 -2.52
CA ASN C 84 -10.92 9.01 -3.71
C ASN C 84 -11.71 8.20 -4.71
N LYS C 85 -11.32 6.94 -5.00
CA LYS C 85 -11.98 6.15 -6.02
C LYS C 85 -12.25 4.76 -5.54
N PHE C 86 -13.34 4.12 -5.94
CA PHE C 86 -13.50 2.72 -5.68
C PHE C 86 -14.04 2.06 -6.88
N LYS C 87 -13.98 0.72 -6.91
CA LYS C 87 -14.29 -0.06 -8.11
C LYS C 87 -15.78 -0.04 -8.50
N ASP C 88 -16.07 -0.35 -9.77
CA ASP C 88 -17.39 -0.73 -10.19
C ASP C 88 -17.61 -2.15 -9.66
N GLU C 89 -18.52 -2.34 -8.73
CA GLU C 89 -18.71 -3.65 -8.11
C GLU C 89 -19.23 -4.63 -9.08
N ASN C 90 -20.31 -4.32 -9.79
CA ASN C 90 -20.77 -5.12 -10.91
C ASN C 90 -21.80 -4.26 -11.69
N PHE C 91 -22.29 -4.75 -12.83
CA PHE C 91 -23.33 -4.05 -13.56
C PHE C 91 -24.45 -4.95 -13.71
N GLN C 92 -24.72 -5.74 -12.67
CA GLN C 92 -25.88 -6.64 -12.78
C GLN C 92 -27.21 -5.89 -12.93
N LEU C 93 -27.38 -4.72 -12.26
CA LEU C 93 -28.62 -3.97 -12.41
C LEU C 93 -28.49 -2.93 -13.55
N LYS C 94 -29.59 -2.77 -14.27
CA LYS C 94 -29.59 -1.95 -15.46
C LYS C 94 -30.52 -0.77 -15.16
N HIS C 95 -30.47 0.24 -16.03
CA HIS C 95 -31.26 1.45 -15.83
C HIS C 95 -32.61 1.33 -16.52
N THR C 96 -33.59 0.71 -15.86
CA THR C 96 -34.72 0.15 -16.57
C THR C 96 -35.92 1.01 -16.33
N LYS C 97 -35.85 2.01 -15.45
CA LYS C 97 -37.04 2.79 -15.05
C LYS C 97 -36.50 4.08 -14.42
N PRO C 98 -37.36 5.14 -14.39
CA PRO C 98 -37.05 6.36 -13.71
C PRO C 98 -36.95 6.14 -12.21
N GLY C 99 -36.17 7.03 -11.59
CA GLY C 99 -36.12 6.98 -10.14
C GLY C 99 -35.04 6.00 -9.59
N LEU C 100 -34.06 5.64 -10.39
CA LEU C 100 -32.90 4.80 -9.95
C LEU C 100 -31.72 5.68 -9.53
N LEU C 101 -30.93 5.19 -8.57
CA LEU C 101 -29.68 5.82 -8.16
C LEU C 101 -28.60 5.11 -8.88
N SER C 102 -27.68 5.88 -9.46
CA SER C 102 -26.63 5.26 -10.21
C SER C 102 -25.35 6.11 -9.94
N MET C 103 -24.12 5.53 -10.02
CA MET C 103 -22.94 6.32 -9.69
C MET C 103 -22.44 7.09 -10.92
N ALA C 104 -22.04 8.35 -10.69
CA ALA C 104 -21.33 9.10 -11.75
C ALA C 104 -19.85 8.66 -11.69
N ASN C 105 -19.12 8.71 -12.78
CA ASN C 105 -17.69 8.30 -12.63
C ASN C 105 -16.88 8.99 -13.73
N ALA C 106 -15.55 8.78 -13.76
CA ALA C 106 -14.68 9.35 -14.76
C ALA C 106 -14.08 8.16 -15.58
N GLY C 107 -14.85 7.10 -15.87
CA GLY C 107 -14.40 5.87 -16.57
C GLY C 107 -14.30 4.70 -15.57
N PRO C 108 -13.77 3.54 -16.02
CA PRO C 108 -13.79 2.31 -15.19
C PRO C 108 -13.22 2.51 -13.79
N HIS C 109 -13.95 2.05 -12.77
CA HIS C 109 -13.35 1.99 -11.41
C HIS C 109 -12.97 3.29 -10.89
N THR C 110 -13.83 4.31 -11.09
CA THR C 110 -13.51 5.57 -10.53
C THR C 110 -14.72 6.17 -9.74
N ASN C 111 -15.52 5.35 -9.06
CA ASN C 111 -16.64 5.90 -8.24
C ASN C 111 -16.15 6.69 -7.09
N GLY C 112 -16.85 7.78 -6.76
CA GLY C 112 -16.41 8.61 -5.63
C GLY C 112 -17.66 8.76 -4.73
N SER C 113 -18.16 9.99 -4.57
CA SER C 113 -19.40 10.25 -3.79
C SER C 113 -20.51 10.80 -4.75
N GLN C 114 -20.15 11.23 -5.99
CA GLN C 114 -21.21 11.71 -6.89
C GLN C 114 -22.09 10.61 -7.43
N PHE C 115 -23.40 10.94 -7.55
CA PHE C 115 -24.36 9.95 -7.95
C PHE C 115 -25.47 10.70 -8.75
N PHE C 116 -26.36 10.00 -9.44
CA PHE C 116 -27.47 10.76 -10.02
C PHE C 116 -28.75 9.94 -9.82
N ILE C 117 -29.92 10.61 -9.96
CA ILE C 117 -31.25 9.98 -9.85
C ILE C 117 -31.81 10.13 -11.24
N THR C 118 -32.06 9.01 -11.94
CA THR C 118 -32.58 9.09 -13.33
C THR C 118 -34.02 9.54 -13.29
N THR C 119 -34.46 10.29 -14.34
CA THR C 119 -35.86 10.65 -14.31
C THR C 119 -36.55 10.07 -15.55
N VAL C 120 -35.80 9.26 -16.31
CA VAL C 120 -36.27 8.58 -17.52
C VAL C 120 -35.50 7.29 -17.52
N VAL C 121 -35.85 6.42 -18.46
CA VAL C 121 -35.07 5.20 -18.70
C VAL C 121 -33.80 5.57 -19.34
N THR C 122 -32.65 5.11 -18.84
CA THR C 122 -31.36 5.51 -19.45
C THR C 122 -30.53 4.29 -19.74
N SER C 123 -31.04 3.46 -20.66
CA SER C 123 -30.42 2.12 -20.91
CA SER C 123 -30.44 2.12 -20.93
C SER C 123 -29.05 2.25 -21.50
N TRP C 124 -28.78 3.39 -22.15
CA TRP C 124 -27.45 3.53 -22.73
C TRP C 124 -26.32 3.73 -21.65
N LEU C 125 -26.72 3.90 -20.38
CA LEU C 125 -25.64 3.91 -19.33
C LEU C 125 -25.36 2.45 -18.81
N ASP C 126 -26.17 1.46 -19.23
CA ASP C 126 -26.00 0.04 -18.69
C ASP C 126 -24.58 -0.38 -18.91
N GLY C 127 -23.93 -0.95 -17.88
CA GLY C 127 -22.57 -1.55 -18.12
C GLY C 127 -21.48 -0.50 -17.92
N LYS C 128 -21.84 0.82 -17.78
CA LYS C 128 -20.89 1.88 -17.57
CA LYS C 128 -20.83 1.82 -17.51
C LYS C 128 -21.04 2.55 -16.18
N HIS C 129 -22.24 2.51 -15.63
CA HIS C 129 -22.51 3.16 -14.36
C HIS C 129 -23.18 2.10 -13.47
N VAL C 130 -22.74 2.03 -12.22
CA VAL C 130 -23.38 1.08 -11.30
C VAL C 130 -24.67 1.60 -10.69
N VAL C 131 -25.78 0.86 -10.90
CA VAL C 131 -27.06 1.15 -10.32
C VAL C 131 -27.10 0.51 -8.95
N PHE C 132 -27.53 1.26 -7.93
CA PHE C 132 -27.39 0.75 -6.59
C PHE C 132 -28.59 1.10 -5.72
N GLY C 133 -29.70 1.65 -6.26
CA GLY C 133 -30.85 1.94 -5.41
C GLY C 133 -31.97 2.57 -6.21
N GLU C 134 -33.11 2.83 -5.56
CA GLU C 134 -34.27 3.37 -6.24
C GLU C 134 -35.00 4.27 -5.28
N VAL C 135 -35.72 5.27 -5.84
CA VAL C 135 -36.53 6.09 -4.97
C VAL C 135 -37.82 5.28 -4.59
N VAL C 136 -38.16 5.25 -3.33
CA VAL C 136 -39.40 4.56 -2.89
C VAL C 136 -40.39 5.53 -2.30
N GLU C 137 -39.98 6.74 -1.87
CA GLU C 137 -41.02 7.77 -1.56
C GLU C 137 -40.41 9.11 -2.05
N GLY C 138 -41.29 10.05 -2.41
CA GLY C 138 -40.87 11.40 -2.76
C GLY C 138 -40.51 11.53 -4.19
N MET C 139 -41.01 10.68 -5.06
CA MET C 139 -40.93 10.94 -6.51
C MET C 139 -41.51 12.34 -6.95
N ASP C 140 -42.46 12.88 -6.18
CA ASP C 140 -43.02 14.25 -6.31
CA ASP C 140 -42.97 14.20 -6.55
C ASP C 140 -41.90 15.28 -6.17
N VAL C 141 -41.07 15.02 -5.17
CA VAL C 141 -39.97 15.90 -4.82
C VAL C 141 -38.90 15.79 -5.96
N VAL C 142 -38.56 14.57 -6.37
CA VAL C 142 -37.70 14.38 -7.53
C VAL C 142 -38.19 15.24 -8.73
N LYS C 143 -39.53 15.30 -8.98
CA LYS C 143 -39.98 16.09 -10.12
C LYS C 143 -39.89 17.55 -9.90
N LYS C 144 -40.03 18.01 -8.67
CA LYS C 144 -39.88 19.42 -8.35
C LYS C 144 -38.43 19.84 -8.56
N VAL C 145 -37.51 18.93 -8.21
CA VAL C 145 -36.08 19.22 -8.49
C VAL C 145 -35.77 19.20 -9.96
N GLU C 146 -36.35 18.23 -10.70
CA GLU C 146 -36.06 18.12 -12.08
C GLU C 146 -36.56 19.43 -12.76
N ALA C 147 -37.65 20.03 -12.23
CA ALA C 147 -38.26 21.26 -12.86
C ALA C 147 -37.35 22.49 -12.76
N VAL C 148 -36.32 22.51 -11.87
CA VAL C 148 -35.38 23.65 -11.97
C VAL C 148 -34.11 23.37 -12.79
N GLY C 149 -34.04 22.26 -13.51
CA GLY C 149 -32.86 22.04 -14.37
C GLY C 149 -32.98 22.84 -15.66
N THR C 150 -31.96 22.83 -16.48
CA THR C 150 -31.89 23.67 -17.67
C THR C 150 -31.08 22.90 -18.66
N GLN C 151 -30.95 23.46 -19.87
CA GLN C 151 -30.28 22.82 -20.97
C GLN C 151 -28.81 22.65 -20.62
N SER C 152 -28.23 23.61 -19.91
CA SER C 152 -26.82 23.53 -19.57
C SER C 152 -26.59 22.66 -18.32
N GLY C 153 -27.66 22.28 -17.60
CA GLY C 153 -27.47 21.49 -16.35
C GLY C 153 -27.31 22.37 -15.14
N LYS C 154 -27.05 23.66 -15.34
CA LYS C 154 -26.90 24.53 -14.16
C LYS C 154 -28.34 24.83 -13.64
N PRO C 155 -28.62 24.53 -12.35
CA PRO C 155 -30.00 24.64 -11.84
C PRO C 155 -30.42 26.14 -11.81
N SER C 156 -31.71 26.42 -12.04
CA SER C 156 -32.08 27.89 -12.06
C SER C 156 -32.37 28.32 -10.60
N LYS C 157 -32.42 27.37 -9.63
CA LYS C 157 -32.52 27.78 -8.23
CA LYS C 157 -32.62 27.72 -8.21
C LYS C 157 -31.70 26.73 -7.51
N VAL C 158 -31.15 27.09 -6.38
CA VAL C 158 -30.24 26.22 -5.67
C VAL C 158 -31.02 25.07 -5.01
N VAL C 159 -30.53 23.83 -5.18
CA VAL C 159 -31.29 22.69 -4.64
C VAL C 159 -30.38 22.09 -3.58
N LYS C 160 -30.78 22.11 -2.31
CA LYS C 160 -29.88 21.67 -1.20
CA LYS C 160 -29.89 21.70 -1.18
C LYS C 160 -30.42 20.43 -0.48
N ILE C 161 -29.49 19.56 -0.05
CA ILE C 161 -29.89 18.45 0.80
C ILE C 161 -29.77 19.06 2.16
N THR C 162 -30.91 19.39 2.82
CA THR C 162 -30.77 20.14 4.11
C THR C 162 -30.56 19.10 5.26
N ALA C 163 -30.98 17.85 5.07
CA ALA C 163 -30.69 16.82 6.10
C ALA C 163 -30.62 15.53 5.36
N SER C 164 -29.84 14.59 5.88
CA SER C 164 -29.88 13.24 5.29
C SER C 164 -29.57 12.19 6.38
N GLY C 165 -29.80 10.92 6.09
CA GLY C 165 -29.49 9.92 7.24
C GLY C 165 -30.34 8.70 6.87
N THR C 166 -30.66 7.84 7.84
CA THR C 166 -31.42 6.61 7.54
C THR C 166 -32.74 6.68 8.27
N VAL C 167 -33.72 5.98 7.78
CA VAL C 167 -35.04 6.13 8.28
C VAL C 167 -35.57 4.79 8.00
K K D . -10.43 -19.01 1.28
NA NA E . 5.15 -24.20 0.22
NA NA F . 2.49 -12.35 -2.10
NA NA G . -8.43 -16.26 -0.55
NA NA H . 0.69 -20.34 19.52
P PO4 I . 13.28 -5.63 -1.45
O1 PO4 I . 14.47 -5.55 -2.33
O2 PO4 I . 13.32 -4.18 -1.87
O3 PO4 I . 12.20 -6.54 -1.83
O4 PO4 I . 13.42 -5.78 0.08
K K J . 36.09 7.40 -8.56
NA NA K . 26.09 -5.30 11.73
NA NA L . 23.08 0.60 -6.59
NA NA M . 32.68 -12.45 7.01
NA NA N . 28.46 -15.10 -2.19
K K O . -23.44 19.42 -17.92
K K P . -26.42 13.44 8.10
NA NA Q . -16.40 3.92 -12.25
NA NA R . -35.82 20.83 3.60
#